data_2AUH
#
_entry.id   2AUH
#
_cell.length_a   127.182
_cell.length_b   127.182
_cell.length_c   65.925
_cell.angle_alpha   90.00
_cell.angle_beta   90.00
_cell.angle_gamma   120.00
#
_symmetry.space_group_name_H-M   'P 62'
#
loop_
_entity.id
_entity.type
_entity.pdbx_description
1 polymer 'Insulin receptor'
2 polymer 'Growth factor receptor-bound protein 14'
3 non-polymer 'CALCIUM ION'
#
loop_
_entity_poly.entity_id
_entity_poly.type
_entity_poly.pdbx_seq_one_letter_code
_entity_poly.pdbx_strand_id
1 'polypeptide(L)'
;VFPSSVYVPDEWEVSREKITLLRELGQGSFGMVYEGNARDIIKGEAETRVAVKTVNESASLRERIEFLNEASVMKGFTCH
HVVRLLGVVSKGQPTLVVMELMAHGDLKSYLRSLRPEAENNPGRPPPTLQEMIQMAAEIADGMAYLNAKKFVHRDLAARN
CMVAHDFTVKIGDFGMTRDI(PTR)ETD(PTR)(PTR)RKGGKGLLPVRWMAPESLKDGVFTTSSDMWSFGVVLWEITSL
AEQPYQGLSNEQVLKFVMDGGYLDQPDNCPERVTDLMRMCWQFNPNMRPTFLEIVNLLKDDLHPSFPEVSFFHSEENK
;
A
2 'polypeptide(L)' SSQSISPMRSISENSLVAMDFSGQKSRVIENPTEALSVAVEEGLAWRKKGSLRLGTHGS B
#
# COMPACT_ATOMS: atom_id res chain seq x y z
N TYR A 7 -1.19 18.80 -13.71
CA TYR A 7 -1.50 19.27 -12.33
C TYR A 7 -1.74 20.80 -12.28
N VAL A 8 -2.41 21.26 -11.23
CA VAL A 8 -2.72 22.68 -11.03
C VAL A 8 -2.93 22.99 -9.54
N PRO A 9 -2.19 23.99 -9.02
CA PRO A 9 -2.23 24.43 -7.61
C PRO A 9 -3.60 24.51 -6.94
N ASP A 10 -3.59 24.51 -5.60
CA ASP A 10 -4.81 24.58 -4.82
C ASP A 10 -4.54 24.81 -3.33
N GLU A 11 -5.56 24.59 -2.50
CA GLU A 11 -5.49 24.79 -1.04
C GLU A 11 -4.30 24.19 -0.28
N TRP A 12 -3.36 23.57 -0.99
CA TRP A 12 -2.20 22.97 -0.33
C TRP A 12 -0.90 23.65 -0.75
N GLU A 13 -0.48 23.42 -1.99
CA GLU A 13 0.75 24.00 -2.57
C GLU A 13 1.48 24.93 -1.60
N VAL A 14 2.36 24.36 -0.78
CA VAL A 14 3.11 25.12 0.22
C VAL A 14 4.40 25.78 -0.27
N SER A 15 4.72 26.90 0.36
CA SER A 15 5.91 27.69 0.07
C SER A 15 7.16 26.84 0.22
N ARG A 16 7.87 26.61 -0.88
CA ARG A 16 9.09 25.80 -0.84
C ARG A 16 10.07 26.28 0.24
N GLU A 17 10.17 27.59 0.42
CA GLU A 17 11.07 28.16 1.41
C GLU A 17 10.72 27.73 2.84
N LYS A 18 9.66 26.95 2.98
CA LYS A 18 9.23 26.47 4.29
C LYS A 18 9.67 25.03 4.53
N ILE A 19 10.27 24.42 3.52
CA ILE A 19 10.72 23.04 3.62
C ILE A 19 12.24 22.87 3.53
N THR A 20 12.81 22.17 4.51
CA THR A 20 14.24 21.90 4.53
C THR A 20 14.47 20.39 4.52
N LEU A 21 15.34 19.93 3.64
CA LEU A 21 15.64 18.51 3.51
C LEU A 21 16.82 18.07 4.36
N LEU A 22 16.56 17.36 5.45
CA LEU A 22 17.63 16.89 6.34
C LEU A 22 18.35 15.64 5.81
N ARG A 23 17.70 14.50 5.93
CA ARG A 23 18.29 13.23 5.52
C ARG A 23 17.50 12.50 4.44
N GLU A 24 18.20 11.65 3.69
CA GLU A 24 17.61 10.86 2.61
C GLU A 24 17.19 9.52 3.22
N LEU A 25 16.03 9.01 2.82
CA LEU A 25 15.55 7.75 3.38
C LEU A 25 15.12 6.72 2.36
N GLY A 26 15.49 6.93 1.10
CA GLY A 26 15.09 5.99 0.07
C GLY A 26 15.37 6.41 -1.34
N GLN A 27 16.25 5.66 -1.99
CA GLN A 27 16.64 5.93 -3.37
C GLN A 27 15.58 5.40 -4.32
N GLY A 28 14.45 6.10 -4.37
CA GLY A 28 13.40 5.69 -5.27
C GLY A 28 13.93 5.75 -6.69
N SER A 29 13.12 5.29 -7.64
CA SER A 29 13.49 5.32 -9.04
C SER A 29 12.71 6.44 -9.71
N PHE A 30 11.51 6.68 -9.19
CA PHE A 30 10.63 7.74 -9.69
C PHE A 30 11.04 9.08 -9.10
N GLY A 31 11.85 9.00 -8.05
CA GLY A 31 12.31 10.19 -7.37
C GLY A 31 13.02 9.81 -6.08
N MET A 32 12.43 10.15 -4.95
CA MET A 32 13.07 9.84 -3.70
C MET A 32 12.20 10.12 -2.50
N VAL A 33 12.73 9.83 -1.33
CA VAL A 33 12.01 10.05 -0.08
C VAL A 33 12.98 10.64 0.93
N TYR A 34 12.72 11.88 1.31
CA TYR A 34 13.57 12.58 2.27
C TYR A 34 12.80 12.92 3.53
N GLU A 35 13.53 13.05 4.64
CA GLU A 35 12.94 13.46 5.90
C GLU A 35 13.46 14.87 6.07
N GLY A 36 12.63 15.75 6.61
CA GLY A 36 13.06 17.12 6.81
C GLY A 36 12.20 17.80 7.84
N ASN A 37 12.41 19.11 8.00
CA ASN A 37 11.64 19.89 8.95
C ASN A 37 10.86 20.93 8.13
N ALA A 38 9.69 21.30 8.64
CA ALA A 38 8.86 22.29 7.96
C ALA A 38 8.51 23.43 8.91
N ARG A 39 8.04 24.54 8.35
CA ARG A 39 7.66 25.70 9.15
C ARG A 39 6.27 26.17 8.75
N ASP A 40 5.43 26.41 9.75
CA ASP A 40 4.05 26.87 9.54
C ASP A 40 3.24 26.01 8.57
N ILE A 41 3.02 24.75 8.96
CA ILE A 41 2.22 23.82 8.16
C ILE A 41 0.92 23.63 8.92
N ILE A 42 1.04 23.26 10.19
CA ILE A 42 -0.12 23.06 11.04
C ILE A 42 -0.33 24.35 11.81
N LYS A 43 -1.24 25.20 11.32
CA LYS A 43 -1.54 26.47 11.97
C LYS A 43 -1.74 26.24 13.47
N GLY A 44 -0.67 26.46 14.23
CA GLY A 44 -0.71 26.26 15.67
C GLY A 44 0.66 25.84 16.15
N GLU A 45 1.40 25.14 15.29
CA GLU A 45 2.74 24.67 15.61
C GLU A 45 3.76 25.41 14.73
N ALA A 46 4.86 25.82 15.34
CA ALA A 46 5.91 26.53 14.61
C ALA A 46 6.48 25.66 13.51
N GLU A 47 7.36 24.74 13.91
CA GLU A 47 7.98 23.82 12.97
C GLU A 47 7.62 22.38 13.33
N THR A 48 7.38 21.57 12.30
CA THR A 48 7.03 20.15 12.49
C THR A 48 7.86 19.28 11.52
N ARG A 49 8.40 18.16 12.02
CA ARG A 49 9.23 17.27 11.20
C ARG A 49 8.37 16.40 10.29
N VAL A 50 8.69 16.41 9.00
CA VAL A 50 7.89 15.65 8.06
C VAL A 50 8.65 14.69 7.15
N ALA A 51 7.88 14.00 6.33
CA ALA A 51 8.41 13.07 5.37
C ALA A 51 8.16 13.79 4.06
N VAL A 52 9.12 13.74 3.14
CA VAL A 52 8.96 14.41 1.86
C VAL A 52 9.25 13.47 0.69
N LYS A 53 8.23 13.21 -0.13
CA LYS A 53 8.41 12.33 -1.26
C LYS A 53 8.50 13.19 -2.50
N THR A 54 9.62 13.06 -3.21
CA THR A 54 9.86 13.86 -4.41
C THR A 54 9.60 13.02 -5.65
N VAL A 55 9.50 13.71 -6.77
CA VAL A 55 9.28 13.03 -8.04
C VAL A 55 10.30 13.63 -9.02
N ASN A 56 11.17 12.78 -9.54
CA ASN A 56 12.20 13.24 -10.48
C ASN A 56 11.57 14.13 -11.56
N GLU A 57 12.31 15.16 -11.96
CA GLU A 57 11.85 16.06 -13.00
C GLU A 57 11.61 15.21 -14.26
N SER A 58 12.63 14.43 -14.61
CA SER A 58 12.61 13.55 -15.76
C SER A 58 12.20 12.14 -15.33
N ALA A 59 10.93 11.96 -15.01
CA ALA A 59 10.41 10.67 -14.56
C ALA A 59 9.79 9.85 -15.69
N SER A 60 8.89 8.95 -15.30
CA SER A 60 8.20 8.08 -16.25
C SER A 60 6.84 8.67 -16.58
N LEU A 61 6.50 8.66 -17.86
CA LEU A 61 5.22 9.17 -18.32
C LEU A 61 4.11 8.52 -17.50
N ARG A 62 4.37 7.28 -17.09
CA ARG A 62 3.44 6.50 -16.29
C ARG A 62 3.50 6.83 -14.79
N GLU A 63 4.70 6.83 -14.21
CA GLU A 63 4.85 7.10 -12.79
C GLU A 63 4.29 8.46 -12.39
N ARG A 64 4.53 9.47 -13.21
CA ARG A 64 4.02 10.81 -12.90
C ARG A 64 2.56 10.75 -12.51
N ILE A 65 1.73 10.25 -13.42
CA ILE A 65 0.30 10.15 -13.16
C ILE A 65 0.02 9.41 -11.84
N GLU A 66 0.62 8.23 -11.67
CA GLU A 66 0.43 7.44 -10.45
C GLU A 66 0.89 8.17 -9.23
N PHE A 67 1.67 9.23 -9.43
CA PHE A 67 2.16 10.03 -8.33
C PHE A 67 1.08 11.02 -7.89
N LEU A 68 0.61 11.81 -8.85
CA LEU A 68 -0.42 12.79 -8.58
C LEU A 68 -1.67 12.11 -8.05
N ASN A 69 -2.00 10.95 -8.60
CA ASN A 69 -3.17 10.22 -8.14
C ASN A 69 -2.97 10.04 -6.63
N GLU A 70 -1.84 9.44 -6.27
CA GLU A 70 -1.53 9.23 -4.87
C GLU A 70 -1.77 10.49 -4.07
N ALA A 71 -1.07 11.56 -4.47
CA ALA A 71 -1.18 12.87 -3.82
C ALA A 71 -2.62 13.28 -3.68
N SER A 72 -3.25 13.51 -4.82
CA SER A 72 -4.65 13.91 -4.86
C SER A 72 -5.52 13.07 -3.92
N VAL A 73 -5.67 11.80 -4.26
CA VAL A 73 -6.48 10.89 -3.46
C VAL A 73 -6.29 11.12 -1.96
N MET A 74 -5.05 11.36 -1.53
CA MET A 74 -4.78 11.54 -0.11
C MET A 74 -5.45 12.78 0.47
N LYS A 75 -5.47 13.85 -0.31
CA LYS A 75 -6.05 15.12 0.13
C LYS A 75 -7.40 15.00 0.83
N GLY A 76 -8.15 13.94 0.52
CA GLY A 76 -9.46 13.78 1.14
C GLY A 76 -9.49 12.92 2.38
N PHE A 77 -8.39 12.23 2.66
CA PHE A 77 -8.36 11.34 3.82
C PHE A 77 -7.93 11.98 5.13
N THR A 78 -8.44 11.38 6.20
CA THR A 78 -8.15 11.83 7.53
C THR A 78 -8.41 10.64 8.43
N CYS A 79 -7.35 9.87 8.66
CA CYS A 79 -7.44 8.68 9.48
C CYS A 79 -6.11 8.46 10.19
N HIS A 80 -6.18 8.16 11.47
CA HIS A 80 -4.98 7.94 12.25
C HIS A 80 -4.16 6.82 11.64
N HIS A 81 -4.80 5.95 10.88
CA HIS A 81 -4.11 4.82 10.25
C HIS A 81 -3.86 4.97 8.76
N VAL A 82 -3.79 6.20 8.27
CA VAL A 82 -3.54 6.43 6.85
C VAL A 82 -2.63 7.62 6.67
N VAL A 83 -1.32 7.38 6.55
CA VAL A 83 -0.34 8.45 6.39
C VAL A 83 -1.02 9.75 5.97
N ARG A 84 -0.88 10.77 6.81
CA ARG A 84 -1.49 12.08 6.57
C ARG A 84 -0.71 12.97 5.60
N LEU A 85 -1.45 13.60 4.69
CA LEU A 85 -0.85 14.50 3.72
C LEU A 85 -0.76 15.88 4.35
N LEU A 86 0.32 16.59 4.08
CA LEU A 86 0.51 17.92 4.66
C LEU A 86 0.63 19.06 3.65
N GLY A 87 1.31 18.81 2.54
CA GLY A 87 1.48 19.86 1.54
C GLY A 87 1.98 19.32 0.22
N VAL A 88 1.91 20.16 -0.80
CA VAL A 88 2.33 19.82 -2.16
C VAL A 88 3.18 20.97 -2.70
N VAL A 89 3.90 20.74 -3.80
CA VAL A 89 4.74 21.78 -4.40
C VAL A 89 4.98 21.50 -5.88
N SER A 90 4.13 22.07 -6.74
CA SER A 90 4.27 21.89 -8.18
C SER A 90 5.13 22.99 -8.81
N LYS A 91 5.44 24.00 -7.99
CA LYS A 91 6.23 25.15 -8.41
C LYS A 91 7.72 24.89 -8.62
N GLY A 92 8.08 24.34 -9.78
CA GLY A 92 9.48 24.09 -10.10
C GLY A 92 10.03 22.72 -9.72
N GLN A 93 10.48 21.97 -10.72
CA GLN A 93 11.04 20.64 -10.49
C GLN A 93 12.24 20.67 -9.56
N PRO A 94 12.35 19.69 -8.65
CA PRO A 94 11.42 18.56 -8.48
C PRO A 94 10.20 18.87 -7.60
N THR A 95 9.08 18.23 -7.93
CA THR A 95 7.81 18.41 -7.20
C THR A 95 7.82 17.68 -5.87
N LEU A 96 7.06 18.19 -4.91
CA LEU A 96 7.05 17.57 -3.59
C LEU A 96 5.69 17.29 -2.97
N VAL A 97 5.63 16.20 -2.20
CA VAL A 97 4.42 15.81 -1.51
C VAL A 97 4.83 15.64 -0.05
N VAL A 98 4.45 16.60 0.79
CA VAL A 98 4.80 16.57 2.20
C VAL A 98 3.86 15.71 3.02
N MET A 99 4.37 14.59 3.52
CA MET A 99 3.57 13.67 4.33
C MET A 99 4.11 13.55 5.73
N GLU A 100 3.28 13.00 6.63
CA GLU A 100 3.71 12.84 8.00
C GLU A 100 4.82 11.81 8.01
N LEU A 101 5.86 12.11 8.76
CA LEU A 101 7.02 11.25 8.86
C LEU A 101 6.74 9.94 9.56
N MET A 102 7.00 8.84 8.86
CA MET A 102 6.84 7.52 9.46
C MET A 102 8.29 7.08 9.74
N ALA A 103 8.77 7.45 10.91
CA ALA A 103 10.14 7.16 11.36
C ALA A 103 10.77 5.85 10.90
N HIS A 104 10.08 4.74 11.17
CA HIS A 104 10.61 3.40 10.84
C HIS A 104 10.51 2.88 9.41
N GLY A 105 10.24 3.75 8.44
CA GLY A 105 10.16 3.32 7.06
C GLY A 105 9.01 2.42 6.64
N ASP A 106 9.06 1.91 5.42
CA ASP A 106 7.99 1.05 4.94
C ASP A 106 8.07 -0.31 5.60
N LEU A 107 6.91 -0.89 5.84
CA LEU A 107 6.80 -2.19 6.50
C LEU A 107 7.65 -3.29 5.91
N LYS A 108 7.71 -3.38 4.59
CA LYS A 108 8.50 -4.41 3.96
C LYS A 108 9.94 -4.32 4.49
N SER A 109 10.53 -3.13 4.38
CA SER A 109 11.89 -2.90 4.85
C SER A 109 12.01 -3.11 6.35
N TYR A 110 11.01 -2.65 7.09
CA TYR A 110 11.03 -2.81 8.53
C TYR A 110 11.03 -4.29 8.88
N LEU A 111 10.20 -5.06 8.19
CA LEU A 111 10.12 -6.49 8.43
C LEU A 111 11.45 -7.11 8.05
N ARG A 112 11.85 -6.93 6.79
CA ARG A 112 13.12 -7.45 6.26
C ARG A 112 14.30 -7.18 7.19
N SER A 113 14.16 -6.19 8.06
CA SER A 113 15.22 -5.81 9.00
C SER A 113 15.08 -6.54 10.33
N LEU A 114 14.06 -7.37 10.48
CA LEU A 114 13.89 -8.10 11.71
C LEU A 114 14.52 -9.45 11.53
N ARG A 115 14.79 -9.80 10.28
CA ARG A 115 15.41 -11.08 9.97
C ARG A 115 16.72 -11.11 10.75
N PRO A 116 16.98 -12.20 11.47
CA PRO A 116 18.20 -12.37 12.27
C PRO A 116 19.50 -12.14 11.49
N GLU A 117 19.47 -12.56 10.22
CA GLU A 117 20.59 -12.43 9.28
C GLU A 117 20.79 -10.97 8.88
N ALA A 118 19.84 -10.12 9.24
CA ALA A 118 19.88 -8.71 8.87
C ALA A 118 21.10 -7.91 9.34
N GLU A 119 21.70 -7.21 8.40
CA GLU A 119 22.84 -6.37 8.70
C GLU A 119 22.32 -5.12 9.43
N ASN A 120 21.14 -4.64 9.03
CA ASN A 120 20.55 -3.46 9.63
C ASN A 120 19.49 -3.81 10.67
N ASN A 121 19.73 -4.88 11.42
CA ASN A 121 18.80 -5.35 12.45
C ASN A 121 18.61 -4.28 13.53
N PRO A 122 17.37 -4.12 14.02
CA PRO A 122 17.04 -3.14 15.05
C PRO A 122 17.30 -3.59 16.49
N GLY A 123 17.89 -4.77 16.64
CA GLY A 123 18.19 -5.26 17.96
C GLY A 123 17.03 -5.91 18.69
N ARG A 124 15.95 -6.20 17.99
CA ARG A 124 14.80 -6.85 18.59
C ARG A 124 14.35 -8.06 17.77
N PRO A 125 13.51 -8.93 18.36
CA PRO A 125 13.04 -10.11 17.62
C PRO A 125 11.97 -9.79 16.58
N PRO A 126 11.51 -10.81 15.83
CA PRO A 126 10.49 -10.55 14.82
C PRO A 126 9.18 -10.20 15.51
N PRO A 127 8.21 -9.64 14.76
CA PRO A 127 6.96 -9.30 15.44
C PRO A 127 6.31 -10.47 16.15
N THR A 128 5.86 -10.24 17.37
CA THR A 128 5.19 -11.26 18.17
C THR A 128 3.67 -11.22 17.97
N LEU A 129 3.01 -12.35 18.16
CA LEU A 129 1.56 -12.49 18.00
C LEU A 129 0.79 -11.23 18.38
N GLN A 130 1.11 -10.66 19.54
CA GLN A 130 0.40 -9.46 19.97
C GLN A 130 0.64 -8.40 18.91
N GLU A 131 1.89 -8.00 18.78
CA GLU A 131 2.29 -6.98 17.81
C GLU A 131 1.65 -7.18 16.44
N MET A 132 1.54 -8.43 16.02
CA MET A 132 0.91 -8.73 14.75
C MET A 132 -0.54 -8.30 14.79
N ILE A 133 -1.30 -8.87 15.73
CA ILE A 133 -2.72 -8.55 15.88
C ILE A 133 -2.89 -7.03 15.78
N GLN A 134 -1.95 -6.32 16.40
CA GLN A 134 -1.97 -4.87 16.39
C GLN A 134 -1.89 -4.36 14.94
N MET A 135 -0.79 -4.68 14.26
CA MET A 135 -0.57 -4.27 12.87
C MET A 135 -1.77 -4.62 12.03
N ALA A 136 -2.21 -5.86 12.20
CA ALA A 136 -3.35 -6.41 11.49
C ALA A 136 -4.56 -5.49 11.55
N ALA A 137 -4.97 -5.17 12.78
CA ALA A 137 -6.12 -4.30 13.02
C ALA A 137 -5.95 -2.87 12.54
N GLU A 138 -4.73 -2.32 12.70
CA GLU A 138 -4.48 -0.96 12.28
C GLU A 138 -4.58 -0.91 10.77
N ILE A 139 -3.85 -1.78 10.09
CA ILE A 139 -3.89 -1.80 8.64
C ILE A 139 -5.34 -2.01 8.23
N ALA A 140 -5.99 -2.99 8.86
CA ALA A 140 -7.38 -3.30 8.58
C ALA A 140 -8.23 -2.05 8.68
N ASP A 141 -8.05 -1.34 9.78
CA ASP A 141 -8.78 -0.10 10.02
C ASP A 141 -8.54 0.88 8.87
N GLY A 142 -7.26 1.20 8.64
CA GLY A 142 -6.91 2.11 7.57
C GLY A 142 -7.59 1.70 6.28
N MET A 143 -7.63 0.40 6.02
CA MET A 143 -8.28 -0.12 4.81
C MET A 143 -9.77 0.09 4.90
N ALA A 144 -10.33 -0.21 6.07
CA ALA A 144 -11.75 -0.01 6.29
C ALA A 144 -12.08 1.43 5.94
N TYR A 145 -11.41 2.38 6.59
CA TYR A 145 -11.64 3.78 6.32
C TYR A 145 -11.59 4.01 4.81
N LEU A 146 -10.51 3.57 4.18
CA LEU A 146 -10.35 3.77 2.75
C LEU A 146 -11.56 3.33 1.92
N ASN A 147 -12.05 2.14 2.20
CA ASN A 147 -13.19 1.62 1.47
C ASN A 147 -14.41 2.49 1.71
N ALA A 148 -14.57 2.94 2.96
CA ALA A 148 -15.69 3.78 3.35
C ALA A 148 -15.77 5.04 2.50
N LYS A 149 -14.64 5.70 2.32
CA LYS A 149 -14.60 6.91 1.50
C LYS A 149 -14.69 6.50 0.02
N LYS A 150 -15.30 5.34 -0.21
CA LYS A 150 -15.46 4.80 -1.56
C LYS A 150 -14.17 4.81 -2.38
N PHE A 151 -13.31 3.83 -2.10
CA PHE A 151 -12.03 3.68 -2.78
C PHE A 151 -11.53 2.24 -2.68
N VAL A 152 -10.99 1.72 -3.79
CA VAL A 152 -10.43 0.38 -3.77
C VAL A 152 -8.95 0.61 -3.97
N HIS A 153 -8.12 0.00 -3.11
CA HIS A 153 -6.68 0.20 -3.15
C HIS A 153 -5.94 -0.43 -4.34
N ARG A 154 -6.22 -1.71 -4.58
CA ARG A 154 -5.60 -2.44 -5.68
C ARG A 154 -4.13 -2.77 -5.46
N ASP A 155 -3.46 -2.04 -4.56
CA ASP A 155 -2.03 -2.28 -4.33
C ASP A 155 -1.63 -2.45 -2.87
N LEU A 156 -2.47 -3.11 -2.08
CA LEU A 156 -2.15 -3.34 -0.66
C LEU A 156 -0.99 -4.33 -0.54
N ALA A 157 0.03 -3.93 0.21
CA ALA A 157 1.21 -4.76 0.41
C ALA A 157 2.11 -4.12 1.47
N ALA A 158 2.90 -4.93 2.14
CA ALA A 158 3.78 -4.40 3.16
C ALA A 158 4.61 -3.25 2.60
N ARG A 159 5.00 -3.36 1.33
CA ARG A 159 5.82 -2.32 0.71
C ARG A 159 5.07 -1.01 0.59
N ASN A 160 3.79 -1.02 0.90
CA ASN A 160 3.05 0.21 0.82
C ASN A 160 2.54 0.67 2.17
N CYS A 161 2.83 -0.10 3.20
CA CYS A 161 2.43 0.30 4.54
C CYS A 161 3.63 0.98 5.18
N MET A 162 3.37 1.96 6.03
CA MET A 162 4.43 2.67 6.69
C MET A 162 4.37 2.41 8.19
N VAL A 163 5.55 2.37 8.80
CA VAL A 163 5.65 2.17 10.25
C VAL A 163 6.12 3.45 10.93
N ALA A 164 5.29 3.96 11.82
CA ALA A 164 5.59 5.19 12.53
C ALA A 164 6.63 5.00 13.62
N HIS A 165 7.00 6.11 14.25
CA HIS A 165 7.99 6.11 15.29
C HIS A 165 7.57 5.20 16.44
N ASP A 166 6.29 5.26 16.80
CA ASP A 166 5.77 4.44 17.89
C ASP A 166 5.32 3.05 17.46
N PHE A 167 5.57 2.72 16.19
CA PHE A 167 5.26 1.43 15.56
C PHE A 167 3.82 1.22 15.06
N THR A 168 3.05 2.30 14.99
CA THR A 168 1.69 2.19 14.50
C THR A 168 1.86 1.99 13.00
N VAL A 169 1.14 1.03 12.41
CA VAL A 169 1.27 0.83 10.97
C VAL A 169 0.15 1.60 10.27
N LYS A 170 0.45 2.17 9.11
CA LYS A 170 -0.54 2.93 8.36
C LYS A 170 -0.34 2.68 6.88
N ILE A 171 -1.34 3.04 6.09
CA ILE A 171 -1.29 2.88 4.64
C ILE A 171 -0.53 4.09 4.11
N GLY A 172 0.40 3.89 3.18
CA GLY A 172 1.18 5.03 2.70
C GLY A 172 1.46 5.22 1.23
N ASP A 173 1.07 4.28 0.38
CA ASP A 173 1.29 4.46 -1.04
C ASP A 173 -0.11 4.36 -1.63
N PHE A 174 -0.43 5.23 -2.59
CA PHE A 174 -1.75 5.21 -3.21
C PHE A 174 -1.75 5.34 -4.72
N GLY A 175 -0.60 5.12 -5.32
CA GLY A 175 -0.50 5.22 -6.76
C GLY A 175 -1.48 4.39 -7.56
N MET A 176 -1.86 3.20 -7.07
CA MET A 176 -2.79 2.35 -7.82
C MET A 176 -4.24 2.44 -7.39
N THR A 177 -4.50 3.20 -6.32
CA THR A 177 -5.86 3.38 -5.82
C THR A 177 -6.80 3.96 -6.87
N ARG A 178 -8.04 3.51 -6.81
CA ARG A 178 -9.08 3.95 -7.75
C ARG A 178 -10.38 4.30 -7.05
N ASP A 179 -11.15 5.17 -7.68
CA ASP A 179 -12.44 5.59 -7.15
C ASP A 179 -13.48 4.50 -7.41
N ILE A 180 -14.35 4.25 -6.43
CA ILE A 180 -15.38 3.23 -6.63
C ILE A 180 -16.75 3.67 -6.12
N GLU A 182 -18.94 5.27 -7.44
CA GLU A 182 -19.87 4.98 -8.50
C GLU A 182 -20.39 3.54 -8.53
N THR A 183 -19.52 2.61 -8.92
CA THR A 183 -19.89 1.20 -9.06
C THR A 183 -19.38 0.19 -8.02
N ASP A 184 -18.52 0.63 -7.10
CA ASP A 184 -17.97 -0.26 -6.07
C ASP A 184 -16.92 -1.25 -6.53
N ARG A 187 -12.40 -2.15 -13.08
CA ARG A 187 -12.11 -3.18 -14.06
C ARG A 187 -11.01 -2.70 -14.96
N LYS A 188 -9.87 -3.39 -14.92
CA LYS A 188 -8.74 -3.01 -15.75
C LYS A 188 -9.07 -3.18 -17.22
N GLY A 189 -8.97 -2.09 -17.97
CA GLY A 189 -9.29 -2.10 -19.39
C GLY A 189 -8.43 -2.98 -20.27
N GLY A 190 -7.20 -2.53 -20.53
CA GLY A 190 -6.30 -3.29 -21.38
C GLY A 190 -4.99 -3.74 -20.73
N LYS A 191 -3.87 -3.37 -21.35
CA LYS A 191 -2.56 -3.73 -20.85
C LYS A 191 -2.17 -2.81 -19.69
N GLY A 192 -1.31 -3.30 -18.81
CA GLY A 192 -0.91 -2.49 -17.68
C GLY A 192 -0.01 -3.29 -16.78
N LEU A 193 0.51 -2.65 -15.73
CA LEU A 193 1.39 -3.34 -14.79
C LEU A 193 0.63 -3.54 -13.49
N LEU A 194 0.53 -4.78 -13.03
CA LEU A 194 -0.21 -5.03 -11.78
C LEU A 194 0.54 -5.95 -10.80
N PRO A 195 0.29 -5.77 -9.50
CA PRO A 195 0.93 -6.57 -8.45
C PRO A 195 0.46 -8.02 -8.39
N VAL A 196 0.66 -8.75 -9.48
CA VAL A 196 0.21 -10.13 -9.56
C VAL A 196 0.33 -10.94 -8.28
N ARG A 197 1.49 -10.90 -7.65
CA ARG A 197 1.71 -11.67 -6.44
C ARG A 197 0.86 -11.28 -5.22
N TRP A 198 0.13 -10.17 -5.33
CA TRP A 198 -0.70 -9.74 -4.22
C TRP A 198 -2.17 -9.73 -4.59
N MET A 199 -2.45 -9.92 -5.88
CA MET A 199 -3.81 -9.90 -6.43
C MET A 199 -4.67 -11.13 -6.15
N ALA A 200 -5.98 -10.94 -6.10
CA ALA A 200 -6.92 -12.05 -5.85
C ALA A 200 -7.31 -12.78 -7.16
N PRO A 201 -7.75 -14.05 -7.05
CA PRO A 201 -8.13 -14.80 -8.26
C PRO A 201 -8.96 -14.03 -9.27
N GLU A 202 -10.07 -13.46 -8.83
CA GLU A 202 -10.94 -12.72 -9.72
C GLU A 202 -10.20 -11.58 -10.39
N SER A 203 -9.39 -10.86 -9.63
CA SER A 203 -8.65 -9.73 -10.19
C SER A 203 -7.68 -10.30 -11.21
N LEU A 204 -7.08 -11.44 -10.87
CA LEU A 204 -6.16 -12.08 -11.79
C LEU A 204 -6.90 -12.51 -13.04
N LYS A 205 -8.04 -13.14 -12.83
CA LYS A 205 -8.90 -13.68 -13.89
C LYS A 205 -9.66 -12.71 -14.76
N ASP A 206 -10.28 -11.71 -14.15
CA ASP A 206 -11.10 -10.74 -14.87
C ASP A 206 -10.64 -9.29 -14.75
N GLY A 207 -9.52 -9.05 -14.09
CA GLY A 207 -9.03 -7.69 -13.96
C GLY A 207 -9.99 -6.82 -13.17
N VAL A 208 -10.74 -7.45 -12.30
CA VAL A 208 -11.69 -6.73 -11.48
C VAL A 208 -11.22 -6.58 -10.04
N PHE A 209 -11.16 -5.33 -9.57
CA PHE A 209 -10.71 -5.07 -8.21
C PHE A 209 -11.80 -4.57 -7.28
N THR A 210 -12.04 -5.30 -6.21
CA THR A 210 -13.07 -4.96 -5.24
C THR A 210 -12.46 -4.90 -3.86
N THR A 211 -13.27 -4.56 -2.86
CA THR A 211 -12.75 -4.48 -1.51
C THR A 211 -12.31 -5.87 -1.08
N SER A 212 -13.03 -6.89 -1.54
CA SER A 212 -12.70 -8.28 -1.19
C SER A 212 -11.31 -8.66 -1.69
N SER A 213 -10.97 -8.16 -2.88
CA SER A 213 -9.65 -8.41 -3.48
C SER A 213 -8.65 -7.70 -2.56
N ASP A 214 -8.95 -6.49 -2.12
CA ASP A 214 -8.03 -5.83 -1.21
C ASP A 214 -7.97 -6.71 0.04
N MET A 215 -9.12 -7.20 0.48
CA MET A 215 -9.17 -8.04 1.67
C MET A 215 -8.26 -9.26 1.51
N TRP A 216 -8.18 -9.76 0.28
CA TRP A 216 -7.34 -10.92 -0.03
C TRP A 216 -5.87 -10.49 0.12
N SER A 217 -5.55 -9.34 -0.45
CA SER A 217 -4.22 -8.80 -0.36
C SER A 217 -3.93 -8.68 1.12
N PHE A 218 -4.84 -8.08 1.87
CA PHE A 218 -4.64 -7.93 3.31
C PHE A 218 -4.01 -9.22 3.83
N GLY A 219 -4.66 -10.35 3.51
CA GLY A 219 -4.17 -11.65 3.95
C GLY A 219 -2.73 -11.87 3.55
N VAL A 220 -2.43 -11.57 2.30
CA VAL A 220 -1.08 -11.70 1.86
C VAL A 220 -0.15 -10.84 2.75
N VAL A 221 -0.55 -9.62 3.05
CA VAL A 221 0.29 -8.78 3.90
C VAL A 221 0.55 -9.47 5.22
N LEU A 222 -0.43 -10.23 5.72
CA LEU A 222 -0.24 -10.95 6.99
C LEU A 222 0.82 -11.98 6.77
N TRP A 223 0.74 -12.66 5.64
CA TRP A 223 1.73 -13.66 5.30
C TRP A 223 3.12 -13.03 5.20
N GLU A 224 3.20 -11.82 4.65
CA GLU A 224 4.46 -11.11 4.53
C GLU A 224 5.05 -10.88 5.92
N ILE A 225 4.20 -10.44 6.83
CA ILE A 225 4.58 -10.14 8.20
C ILE A 225 5.07 -11.40 8.89
N THR A 226 4.20 -12.41 8.89
CA THR A 226 4.52 -13.68 9.52
C THR A 226 5.70 -14.38 8.89
N SER A 227 6.23 -13.82 7.81
CA SER A 227 7.35 -14.45 7.13
C SER A 227 8.44 -13.44 6.85
N LEU A 228 8.36 -12.29 7.49
CA LEU A 228 9.35 -11.23 7.34
C LEU A 228 9.59 -10.88 5.87
N ALA A 229 8.50 -10.57 5.19
CA ALA A 229 8.56 -10.18 3.79
C ALA A 229 9.34 -11.08 2.87
N GLU A 230 8.82 -12.28 2.63
CA GLU A 230 9.44 -13.20 1.69
C GLU A 230 8.76 -12.81 0.39
N GLN A 231 9.29 -13.23 -0.75
CA GLN A 231 8.63 -12.90 -2.00
C GLN A 231 7.52 -13.90 -2.17
N PRO A 232 6.26 -13.47 -2.06
CA PRO A 232 5.15 -14.42 -2.21
C PRO A 232 5.35 -15.36 -3.40
N TYR A 233 4.89 -16.60 -3.23
CA TYR A 233 4.99 -17.62 -4.27
C TYR A 233 6.36 -17.52 -4.89
N GLN A 234 7.35 -17.65 -4.01
CA GLN A 234 8.75 -17.62 -4.37
C GLN A 234 8.96 -18.97 -5.02
N GLY A 235 9.70 -19.00 -6.11
CA GLY A 235 9.93 -20.27 -6.79
C GLY A 235 8.92 -20.50 -7.90
N LEU A 236 7.94 -19.62 -7.99
CA LEU A 236 6.93 -19.71 -9.03
C LEU A 236 7.09 -18.53 -9.97
N SER A 237 7.04 -18.83 -11.26
CA SER A 237 7.15 -17.83 -12.31
C SER A 237 5.91 -16.97 -12.34
N ASN A 238 6.05 -15.70 -12.73
CA ASN A 238 4.88 -14.83 -12.80
C ASN A 238 3.79 -15.60 -13.50
N GLU A 239 4.14 -16.26 -14.60
CA GLU A 239 3.16 -17.07 -15.33
C GLU A 239 2.56 -18.13 -14.42
N GLN A 240 3.43 -18.93 -13.81
CA GLN A 240 3.00 -19.99 -12.93
C GLN A 240 2.12 -19.51 -11.78
N VAL A 241 2.42 -18.33 -11.24
CA VAL A 241 1.65 -17.81 -10.10
C VAL A 241 0.21 -17.52 -10.51
N LEU A 242 0.02 -16.97 -11.71
CA LEU A 242 -1.33 -16.69 -12.18
C LEU A 242 -2.07 -18.00 -12.14
N LYS A 243 -1.66 -18.93 -13.00
CA LYS A 243 -2.28 -20.25 -13.08
C LYS A 243 -2.53 -20.87 -11.70
N PHE A 244 -1.50 -20.86 -10.86
CA PHE A 244 -1.60 -21.45 -9.52
C PHE A 244 -2.68 -20.82 -8.62
N VAL A 245 -2.80 -19.51 -8.64
CA VAL A 245 -3.77 -18.83 -7.81
C VAL A 245 -5.19 -18.81 -8.40
N MET A 246 -5.27 -18.77 -9.72
CA MET A 246 -6.56 -18.76 -10.41
C MET A 246 -7.21 -20.13 -10.24
N ASP A 247 -6.35 -21.14 -10.07
CA ASP A 247 -6.79 -22.51 -9.89
C ASP A 247 -7.24 -22.80 -8.47
N GLY A 248 -6.94 -21.89 -7.54
CA GLY A 248 -7.33 -22.09 -6.16
C GLY A 248 -6.14 -22.30 -5.25
N GLY A 249 -4.97 -21.79 -5.67
CA GLY A 249 -3.79 -21.95 -4.85
C GLY A 249 -3.65 -20.79 -3.90
N TYR A 250 -2.89 -21.00 -2.84
CA TYR A 250 -2.62 -19.97 -1.83
C TYR A 250 -1.27 -20.28 -1.16
N LEU A 251 -0.64 -19.28 -0.56
CA LEU A 251 0.66 -19.49 0.08
C LEU A 251 0.55 -20.34 1.33
N ASP A 252 1.68 -20.92 1.77
CA ASP A 252 1.67 -21.76 2.97
C ASP A 252 2.07 -20.97 4.19
N GLN A 253 1.60 -21.39 5.35
CA GLN A 253 1.93 -20.68 6.58
C GLN A 253 3.41 -20.80 6.83
N PRO A 254 4.05 -19.70 7.23
CA PRO A 254 5.48 -19.74 7.50
C PRO A 254 5.70 -20.51 8.80
N ASP A 255 6.92 -20.96 9.04
CA ASP A 255 7.19 -21.70 10.27
C ASP A 255 6.88 -20.84 11.51
N ASN A 256 6.34 -21.50 12.55
CA ASN A 256 6.01 -20.83 13.82
C ASN A 256 4.96 -19.74 13.65
N CYS A 257 4.10 -19.90 12.66
CA CYS A 257 3.07 -18.92 12.39
C CYS A 257 1.88 -19.01 13.33
N PRO A 258 1.62 -17.94 14.09
CA PRO A 258 0.50 -17.94 15.02
C PRO A 258 -0.79 -18.47 14.40
N GLU A 259 -1.27 -19.56 14.96
CA GLU A 259 -2.49 -20.21 14.51
C GLU A 259 -3.55 -19.14 14.26
N ARG A 260 -3.66 -18.20 15.18
CA ARG A 260 -4.64 -17.13 15.04
C ARG A 260 -4.48 -16.25 13.80
N VAL A 261 -3.25 -16.04 13.35
CA VAL A 261 -3.02 -15.21 12.17
C VAL A 261 -3.24 -16.10 10.95
N THR A 262 -2.95 -17.39 11.10
CA THR A 262 -3.17 -18.33 10.02
C THR A 262 -4.66 -18.29 9.73
N ASP A 263 -5.47 -18.44 10.78
CA ASP A 263 -6.92 -18.38 10.64
C ASP A 263 -7.36 -17.18 9.82
N LEU A 264 -6.80 -16.02 10.16
CA LEU A 264 -7.11 -14.77 9.47
C LEU A 264 -6.80 -14.85 7.99
N MET A 265 -5.74 -15.57 7.65
CA MET A 265 -5.34 -15.73 6.25
C MET A 265 -6.27 -16.70 5.53
N ARG A 266 -6.68 -17.78 6.21
CA ARG A 266 -7.58 -18.75 5.60
C ARG A 266 -8.87 -17.99 5.23
N MET A 267 -9.22 -17.01 6.05
CA MET A 267 -10.40 -16.21 5.81
C MET A 267 -10.18 -15.33 4.57
N CYS A 268 -9.10 -14.56 4.55
CA CYS A 268 -8.81 -13.69 3.42
C CYS A 268 -8.60 -14.42 2.11
N TRP A 269 -8.21 -15.69 2.17
CA TRP A 269 -7.96 -16.40 0.93
C TRP A 269 -9.09 -17.26 0.40
N GLN A 270 -10.27 -17.08 0.96
CA GLN A 270 -11.43 -17.81 0.49
C GLN A 270 -11.50 -17.57 -1.02
N PHE A 271 -11.58 -18.65 -1.81
CA PHE A 271 -11.63 -18.53 -3.26
C PHE A 271 -12.80 -17.71 -3.82
N ASN A 272 -13.92 -17.77 -3.11
CA ASN A 272 -15.16 -17.09 -3.45
C ASN A 272 -15.23 -15.76 -2.70
N PRO A 273 -14.88 -14.65 -3.38
CA PRO A 273 -14.88 -13.30 -2.80
C PRO A 273 -15.91 -12.95 -1.72
N ASN A 274 -17.12 -13.52 -1.82
CA ASN A 274 -18.16 -13.23 -0.84
C ASN A 274 -18.00 -13.98 0.45
N MET A 275 -16.97 -14.80 0.54
CA MET A 275 -16.76 -15.53 1.78
C MET A 275 -15.68 -14.80 2.56
N ARG A 276 -15.01 -13.88 1.89
CA ARG A 276 -13.96 -13.11 2.52
C ARG A 276 -14.61 -12.05 3.41
N PRO A 277 -13.99 -11.79 4.58
CA PRO A 277 -14.52 -10.81 5.51
C PRO A 277 -14.34 -9.39 5.01
N THR A 278 -14.83 -8.46 5.79
CA THR A 278 -14.74 -7.04 5.48
C THR A 278 -13.67 -6.48 6.41
N PHE A 279 -13.06 -5.35 6.02
CA PHE A 279 -12.02 -4.81 6.87
C PHE A 279 -12.57 -4.53 8.25
N LEU A 280 -13.82 -4.10 8.30
CA LEU A 280 -14.45 -3.82 9.58
C LEU A 280 -14.68 -5.08 10.41
N GLU A 281 -15.19 -6.13 9.76
CA GLU A 281 -15.42 -7.40 10.46
C GLU A 281 -14.13 -7.87 11.08
N ILE A 282 -13.03 -7.53 10.42
CA ILE A 282 -11.70 -7.90 10.89
C ILE A 282 -11.35 -7.11 12.13
N VAL A 283 -11.38 -5.79 11.98
CA VAL A 283 -11.08 -4.91 13.10
C VAL A 283 -11.95 -5.33 14.27
N ASN A 284 -13.21 -5.65 13.99
CA ASN A 284 -14.12 -6.06 15.04
C ASN A 284 -13.67 -7.36 15.67
N LEU A 285 -13.27 -8.29 14.83
CA LEU A 285 -12.83 -9.59 15.30
C LEU A 285 -11.62 -9.46 16.23
N LEU A 286 -11.03 -8.27 16.26
CA LEU A 286 -9.85 -8.06 17.07
C LEU A 286 -10.00 -7.05 18.21
N LYS A 287 -10.89 -6.09 18.03
CA LYS A 287 -11.09 -5.02 19.02
C LYS A 287 -10.70 -5.32 20.47
N ASP A 288 -10.93 -6.53 20.95
CA ASP A 288 -10.60 -6.86 22.34
C ASP A 288 -9.12 -6.92 22.74
N ASP A 289 -8.28 -7.43 21.85
CA ASP A 289 -6.86 -7.56 22.17
C ASP A 289 -5.92 -6.52 21.58
N LEU A 290 -6.25 -5.24 21.72
CA LEU A 290 -5.39 -4.19 21.17
C LEU A 290 -4.95 -3.18 22.24
N HIS A 291 -3.94 -2.38 21.91
CA HIS A 291 -3.45 -1.34 22.82
C HIS A 291 -4.64 -0.45 23.17
N PRO A 292 -4.70 0.04 24.40
CA PRO A 292 -5.83 0.90 24.80
C PRO A 292 -6.05 2.15 23.96
N SER A 293 -4.97 2.77 23.47
CA SER A 293 -5.13 3.98 22.68
C SER A 293 -5.79 3.73 21.33
N PHE A 294 -6.43 2.57 21.17
CA PHE A 294 -7.04 2.25 19.89
C PHE A 294 -8.37 2.91 19.55
N PRO A 295 -9.37 2.85 20.46
CA PRO A 295 -10.68 3.47 20.19
C PRO A 295 -10.65 4.99 20.02
N GLU A 296 -9.67 5.62 20.67
CA GLU A 296 -9.50 7.06 20.61
C GLU A 296 -9.23 7.46 19.17
N VAL A 297 -8.31 6.73 18.55
CA VAL A 297 -7.88 6.96 17.17
C VAL A 297 -8.55 6.16 16.05
N SER A 298 -8.97 4.94 16.35
CA SER A 298 -9.59 4.08 15.34
C SER A 298 -10.84 4.65 14.68
N PHE A 299 -10.93 4.39 13.39
CA PHE A 299 -12.07 4.81 12.59
C PHE A 299 -13.25 3.94 13.02
N PHE A 300 -12.96 2.65 13.22
CA PHE A 300 -13.97 1.69 13.62
C PHE A 300 -14.80 2.17 14.81
N HIS A 301 -14.13 2.65 15.84
CA HIS A 301 -14.79 3.15 17.04
C HIS A 301 -15.28 4.59 16.89
N SER A 302 -14.86 5.25 15.81
CA SER A 302 -15.24 6.65 15.57
C SER A 302 -16.72 6.77 15.28
N GLU A 303 -17.22 8.01 15.34
CA GLU A 303 -18.63 8.28 15.08
C GLU A 303 -18.84 8.31 13.57
N GLU A 304 -17.77 8.65 12.84
CA GLU A 304 -17.84 8.73 11.38
C GLU A 304 -18.20 7.37 10.78
N ASN A 305 -18.23 6.36 11.62
CA ASN A 305 -18.57 5.00 11.20
C ASN A 305 -20.04 4.75 11.53
N LYS A 306 -20.90 4.99 10.55
CA LYS A 306 -22.34 4.79 10.72
C LYS A 306 -23.05 4.91 9.37
N GLU B 13 12.77 -9.99 -6.73
CA GLU B 13 12.25 -8.97 -5.74
C GLU B 13 11.21 -8.07 -6.40
N ASN B 14 11.18 -8.12 -7.74
CA ASN B 14 10.25 -7.35 -8.56
C ASN B 14 8.85 -7.30 -7.93
N SER B 15 8.01 -6.36 -8.38
CA SER B 15 6.68 -6.24 -7.79
C SER B 15 5.52 -6.21 -8.77
N LEU B 16 5.57 -5.31 -9.74
CA LEU B 16 4.54 -5.19 -10.75
C LEU B 16 4.86 -6.13 -11.89
N VAL B 17 3.84 -6.55 -12.63
CA VAL B 17 4.04 -7.44 -13.76
C VAL B 17 3.19 -6.90 -14.91
N ALA B 18 3.64 -7.11 -16.14
CA ALA B 18 2.86 -6.62 -17.27
C ALA B 18 1.77 -7.64 -17.63
N MET B 19 0.54 -7.16 -17.78
CA MET B 19 -0.57 -8.04 -18.15
C MET B 19 -1.44 -7.38 -19.22
N ASP B 20 -2.46 -8.11 -19.66
CA ASP B 20 -3.40 -7.63 -20.67
C ASP B 20 -4.78 -8.28 -20.49
N PHE B 21 -5.80 -7.45 -20.28
CA PHE B 21 -7.15 -7.96 -20.09
C PHE B 21 -8.08 -7.79 -21.29
N SER B 22 -7.52 -7.31 -22.40
CA SER B 22 -8.25 -7.10 -23.65
C SER B 22 -8.48 -8.46 -24.25
N GLY B 23 -9.65 -9.03 -24.04
CA GLY B 23 -9.90 -10.34 -24.60
C GLY B 23 -10.47 -11.31 -23.59
N GLN B 24 -11.29 -12.24 -24.10
CA GLN B 24 -11.96 -13.24 -23.28
C GLN B 24 -11.13 -13.73 -22.10
N LYS B 25 -9.87 -14.09 -22.36
CA LYS B 25 -9.02 -14.60 -21.30
C LYS B 25 -7.98 -13.62 -20.75
N SER B 26 -7.66 -13.79 -19.47
CA SER B 26 -6.67 -12.98 -18.77
C SER B 26 -5.32 -13.26 -19.43
N ARG B 27 -4.24 -12.65 -18.94
CA ARG B 27 -2.94 -12.90 -19.54
C ARG B 27 -1.73 -12.13 -19.01
N VAL B 28 -0.73 -12.84 -18.51
CA VAL B 28 0.51 -12.21 -18.07
C VAL B 28 1.34 -12.22 -19.34
N ILE B 29 1.64 -11.04 -19.88
CA ILE B 29 2.42 -10.93 -21.13
C ILE B 29 3.70 -11.74 -21.08
N GLU B 30 3.81 -12.65 -22.05
CA GLU B 30 4.93 -13.57 -22.15
C GLU B 30 6.18 -13.15 -22.93
N ASN B 31 6.02 -12.29 -23.92
CA ASN B 31 7.19 -11.88 -24.69
C ASN B 31 7.97 -10.79 -23.99
N PRO B 32 9.26 -11.02 -23.74
CA PRO B 32 10.09 -10.02 -23.08
C PRO B 32 9.93 -8.63 -23.66
N THR B 33 10.13 -8.50 -24.97
CA THR B 33 10.03 -7.19 -25.57
C THR B 33 8.63 -6.57 -25.55
N GLU B 34 7.59 -7.39 -25.62
CA GLU B 34 6.22 -6.84 -25.58
C GLU B 34 5.88 -6.38 -24.17
N ALA B 35 6.13 -7.24 -23.20
CA ALA B 35 5.86 -6.93 -21.80
C ALA B 35 6.58 -5.66 -21.39
N LEU B 36 7.77 -5.47 -21.89
CA LEU B 36 8.55 -4.30 -21.53
C LEU B 36 7.97 -3.03 -22.13
N SER B 37 7.07 -3.20 -23.10
CA SER B 37 6.44 -2.05 -23.76
C SER B 37 5.25 -1.54 -22.97
N VAL B 38 4.54 -2.45 -22.32
CA VAL B 38 3.35 -2.12 -21.55
C VAL B 38 3.50 -0.85 -20.73
N ALA B 39 4.60 -0.74 -19.99
CA ALA B 39 4.86 0.44 -19.18
C ALA B 39 4.44 1.75 -19.87
N VAL B 40 5.26 2.18 -20.83
CA VAL B 40 5.02 3.42 -21.57
C VAL B 40 3.59 3.59 -22.03
N GLU B 41 3.03 2.50 -22.56
CA GLU B 41 1.67 2.49 -23.08
C GLU B 41 0.58 2.72 -22.03
N GLU B 42 0.69 2.05 -20.87
CA GLU B 42 -0.32 2.22 -19.83
C GLU B 42 -0.32 3.69 -19.48
N GLY B 43 0.82 4.33 -19.66
CA GLY B 43 0.96 5.74 -19.34
C GLY B 43 0.18 6.62 -20.29
N LEU B 44 0.48 6.50 -21.58
CA LEU B 44 -0.22 7.28 -22.60
C LEU B 44 -1.72 7.04 -22.48
N ALA B 45 -2.09 5.75 -22.52
CA ALA B 45 -3.47 5.33 -22.41
C ALA B 45 -4.23 6.06 -21.32
N TRP B 46 -3.52 6.45 -20.26
CA TRP B 46 -4.14 7.19 -19.16
C TRP B 46 -4.23 8.67 -19.49
N ARG B 47 -3.18 9.21 -20.13
CA ARG B 47 -3.15 10.61 -20.52
C ARG B 47 -4.52 10.96 -21.11
N LYS B 48 -4.99 10.08 -22.00
CA LYS B 48 -6.28 10.23 -22.66
C LYS B 48 -7.47 10.02 -21.71
N LYS B 49 -7.71 11.01 -20.85
CA LYS B 49 -8.81 10.97 -19.89
C LYS B 49 -8.53 11.88 -18.69
#